data_7SJ0
#
_entry.id   7SJ0
#
_cell.length_a   1.00
_cell.length_b   1.00
_cell.length_c   1.00
_cell.angle_alpha   90.00
_cell.angle_beta   90.00
_cell.angle_gamma   90.00
#
_symmetry.space_group_name_H-M   'P 1'
#
loop_
_entity.id
_entity.type
_entity.pdbx_description
1 polymer 'Spike glycoprotein'
2 polymer 'A7V3 Fab heavy chain'
3 polymer 'A7V3 Fab light chain'
4 non-polymer 2-acetamido-2-deoxy-beta-D-glucopyranose
#
loop_
_entity_poly.entity_id
_entity_poly.type
_entity_poly.pdbx_seq_one_letter_code
_entity_poly.pdbx_strand_id
1 'polypeptide(L)'
;MFVFLVLLPLVSSQCVNLTTRTQLPPAYTNSFTRGVYYPDKVFRSSVLHSTQDLFLPFFSNVTWFHAIHVSGTNGTKRFD
NPVLPFNDGVYFASTEKSNIIRGWIFGTTLDSKTQSLLIVNNATNVVIKVCEFQFCNDPFLGVYYHKNNKSWMESEFRVY
SSANNCTFEYVSQPFLMDLEGKQGNFKNLREFVFKNIDGYFKIYSKHTPINLVRDLPQGFSALEPLVDLPIGINITRFQT
LLALHRSYLTPGDSSSGWTAGAAAYYVGYLQPRTFLLKYNENGTITDAVDCALDPLSETKCTLKSFTVEKGIYQTSNFRV
QPTESIVRFPNITNLCPFGEVFNATRFASVYAWNRKRISNCVADYSVLYNSASFSTFKCYGVSPTKLNDLCFTNVYADSF
VIRGDEVRQIAPGQTGKIADYNYKLPDDFTGCVIAWNSNNLDSKVGGNYNYLYRLFRKSNLKPFERDISTEIYQAGSTPC
NGVEGFNCYFPLQSYGFQPTNGVGYQPYRVVVLSFELLHAPATVCGPKKSTNLVKNKCVNFNFNGLTGTGVLTESNKKFL
PFQQFGRDIADTTDAVRDPQTLEILDITPCSFGGVSVITPGTNTSNQVAVLYQDVNCTEVPVAIHADQLTPTWRVYSTGS
NVFQTRAGCLIGAEHVNNSYECDIPIGAGICASYQTQTNSPGSASSVASQSIIAYTMSLGAENSVAYSNNSIAIPTNFTI
SVTTEILPVSMTKTSVDCTMYICGDSTECSNLLLQYGSFCTQLNRALTGIAVEQDKNTQEVFAQVKQIYKTPPIKDFGGF
NFSQILPDPSKPSKRSPIEDLLFNKVTLADAGFIKQYGDCLGDIAARDLICAQKFNGLTVLPPLLTDEMIAQYTSALLAG
TITSGWTFGAGPALQIPFPMQMAYRFNGIGVTQNVLYENQKLIANQFNSAIGKIQDSLSSTPSALGKLQDVVNQNAQALN
TLVKQLSSNFGAISSVLNDILSRLDPPEAEVQIDRLITGRLQSLQTYVTQQLIRAAEIRASANLAATKMSECVLGQSKRV
DFCGKGYHLMSFPQSAPHGVVFLHVTYVPAQEKNFTTAPAICHDGKAHFPREGVFVSNGTHWFVTQRNFYEPQIITTDNT
FVSGNCDVVIGIVNNTVYDPLQPELDSFKEELDKYFKNHTSPDVDLGDISGINASVVNIQKEIDRLNEVAKNLNESLIDL
QELGKYEQGSGYIPEAPRDGQAYVRKDGEWVLLSTFLGRSLEVLFQGPGHHHHHHHHSAWSHPQFEKGGGSGGGGSGGSA
WSHPQFEK
;
A
2 'polypeptide(L)'
;QVQLVQSGAEVKKPGASVKVSCKVSGYTLTELSMHWVRQAPGKGLEWMGGFDPEDGETIYAQKFQGRVTMTEDTSTDTAY
MELSSLRSEDTAVYYCATGSPFDRTQNWFDPWGQGTLVTVSS
;
B
3 'polypeptide(L)'
;QSVVTQPPSVSAAPGQKVTISCSGSSSNIGNNYVSWYQQLPGTAPKLLIYDNNKRPSGIPDRFSGSKSGTSATLGITGLQ
TGDEADYYCGTWDSSLSAVVFGGGTKLTVL
;
L
#
loop_
_chem_comp.id
_chem_comp.type
_chem_comp.name
_chem_comp.formula
NAG D-saccharide, beta linking 2-acetamido-2-deoxy-beta-D-glucopyranose 'C8 H15 N O6'
#
# COMPACT_ATOMS: atom_id res chain seq x y z
N GLN A 14 -3.56 2.31 15.97
CA GLN A 14 -3.85 2.96 14.70
C GLN A 14 -5.33 3.32 14.60
N CYS A 15 -6.13 2.36 14.12
CA CYS A 15 -7.58 2.52 13.99
C CYS A 15 -7.93 3.74 13.14
N VAL A 16 -7.51 3.66 11.87
CA VAL A 16 -7.93 4.66 10.90
C VAL A 16 -9.45 4.60 10.72
N ASN A 17 -10.02 5.71 10.23
CA ASN A 17 -11.46 5.83 10.02
C ASN A 17 -11.79 5.58 8.55
N LEU A 18 -12.71 4.63 8.32
CA LEU A 18 -13.12 4.25 6.97
C LEU A 18 -14.60 4.42 6.68
N THR A 19 -15.45 4.52 7.71
CA THR A 19 -16.88 4.64 7.49
C THR A 19 -17.21 5.82 6.59
N THR A 20 -18.37 5.75 5.95
CA THR A 20 -18.80 6.76 4.98
C THR A 20 -20.21 7.22 5.32
N ARG A 21 -20.50 8.48 4.97
CA ARG A 21 -21.80 9.07 5.29
C ARG A 21 -22.96 8.28 4.70
N THR A 22 -22.72 7.57 3.60
CA THR A 22 -23.81 6.93 2.86
C THR A 22 -24.55 5.93 3.72
N GLN A 23 -25.88 5.92 3.58
CA GLN A 23 -26.73 4.92 4.19
C GLN A 23 -27.77 4.48 3.17
N LEU A 24 -28.19 3.22 3.27
CA LEU A 24 -29.13 2.65 2.33
C LEU A 24 -30.30 2.03 3.08
N PRO A 25 -31.49 2.06 2.49
CA PRO A 25 -32.66 1.43 3.13
C PRO A 25 -32.41 -0.05 3.35
N PRO A 26 -32.89 -0.60 4.46
CA PRO A 26 -32.63 -2.01 4.77
C PRO A 26 -33.50 -2.93 3.91
N ALA A 27 -32.86 -3.85 3.21
CA ALA A 27 -33.58 -4.84 2.42
C ALA A 27 -34.05 -5.98 3.32
N TYR A 28 -35.00 -6.76 2.81
CA TYR A 28 -35.51 -7.92 3.53
C TYR A 28 -36.01 -8.95 2.53
N THR A 29 -36.08 -10.19 2.98
CA THR A 29 -36.39 -11.31 2.11
C THR A 29 -37.07 -12.39 2.95
N ASN A 30 -37.78 -13.29 2.28
CA ASN A 30 -38.43 -14.40 2.95
C ASN A 30 -37.43 -15.53 3.23
N SER A 31 -37.52 -16.10 4.43
CA SER A 31 -36.62 -17.18 4.80
C SER A 31 -36.81 -18.41 3.92
N PHE A 32 -38.06 -18.71 3.57
CA PHE A 32 -38.38 -19.86 2.72
C PHE A 32 -37.84 -21.15 3.33
N THR A 33 -38.04 -21.31 4.63
CA THR A 33 -37.81 -22.55 5.39
C THR A 33 -36.40 -23.12 5.15
N ARG A 34 -35.41 -22.30 5.46
CA ARG A 34 -34.03 -22.76 5.48
C ARG A 34 -33.71 -23.47 6.80
N SER A 60 -39.64 -15.88 6.56
CA SER A 60 -39.47 -14.97 7.69
C SER A 60 -38.93 -13.63 7.25
N ASN A 61 -38.80 -12.71 8.20
CA ASN A 61 -38.39 -11.34 7.93
C ASN A 61 -36.89 -11.20 8.18
N VAL A 62 -36.11 -11.94 7.39
CA VAL A 62 -34.66 -11.93 7.55
C VAL A 62 -34.08 -10.69 6.88
N THR A 63 -33.03 -10.12 7.48
CA THR A 63 -32.40 -8.95 6.94
C THR A 63 -31.39 -9.35 5.86
N TRP A 64 -30.76 -8.35 5.25
CA TRP A 64 -29.77 -8.57 4.20
C TRP A 64 -28.87 -7.36 4.15
N PHE A 65 -27.56 -7.57 4.29
CA PHE A 65 -26.61 -6.48 4.42
C PHE A 65 -25.58 -6.53 3.29
N HIS A 66 -25.02 -5.37 2.97
CA HIS A 66 -23.93 -5.24 2.02
C HIS A 66 -22.76 -4.55 2.72
N ALA A 67 -21.60 -5.20 2.74
CA ALA A 67 -20.42 -4.62 3.38
C ALA A 67 -19.64 -3.74 2.42
N ILE A 68 -19.18 -4.30 1.32
CA ILE A 68 -18.46 -3.55 0.29
C ILE A 68 -19.36 -3.53 -0.95
N HIS A 69 -19.84 -2.34 -1.31
CA HIS A 69 -20.84 -2.18 -2.36
C HIS A 69 -20.25 -1.39 -3.52
N VAL A 70 -20.59 -1.80 -4.73
CA VAL A 70 -20.11 -1.15 -5.95
C VAL A 70 -21.32 -0.81 -6.82
N SER A 71 -21.19 0.23 -7.63
CA SER A 71 -22.27 0.70 -8.47
C SER A 71 -21.70 1.12 -9.82
N GLY A 72 -22.51 1.81 -10.62
CA GLY A 72 -22.05 2.29 -11.91
C GLY A 72 -20.85 3.22 -11.81
N THR A 73 -20.85 4.10 -10.80
CA THR A 73 -19.70 4.95 -10.53
C THR A 73 -18.61 4.09 -9.90
N ASN A 74 -17.59 3.75 -10.70
CA ASN A 74 -16.63 2.73 -10.31
C ASN A 74 -15.83 3.10 -9.07
N GLY A 75 -15.72 4.39 -8.75
CA GLY A 75 -14.94 4.80 -7.60
C GLY A 75 -15.65 4.75 -6.27
N THR A 76 -16.90 4.28 -6.23
CA THR A 76 -17.70 4.31 -5.01
C THR A 76 -17.46 3.03 -4.20
N LYS A 77 -16.39 3.05 -3.42
CA LYS A 77 -16.15 2.02 -2.42
C LYS A 77 -16.69 2.49 -1.08
N ARG A 78 -17.54 1.68 -0.46
CA ARG A 78 -18.16 2.02 0.81
C ARG A 78 -17.95 0.89 1.80
N PHE A 79 -17.86 1.25 3.09
CA PHE A 79 -17.60 0.30 4.15
C PHE A 79 -18.49 0.63 5.34
N ASP A 80 -19.20 -0.37 5.85
CA ASP A 80 -20.07 -0.19 7.01
C ASP A 80 -20.42 -1.54 7.60
N ASN A 81 -20.12 -1.73 8.89
CA ASN A 81 -20.39 -2.97 9.60
C ASN A 81 -21.05 -2.64 10.94
N PRO A 82 -22.33 -2.30 10.93
CA PRO A 82 -23.00 -1.92 12.18
C PRO A 82 -23.13 -3.11 13.12
N VAL A 83 -23.16 -2.81 14.41
CA VAL A 83 -23.39 -3.84 15.41
C VAL A 83 -24.88 -4.16 15.47
N LEU A 84 -25.20 -5.40 15.84
CA LEU A 84 -26.57 -5.88 15.84
C LEU A 84 -26.90 -6.50 17.19
N PRO A 85 -28.16 -6.44 17.61
CA PRO A 85 -28.55 -7.06 18.87
C PRO A 85 -28.42 -8.58 18.79
N PHE A 86 -28.22 -9.19 19.96
CA PHE A 86 -28.11 -10.64 20.10
C PHE A 86 -28.99 -11.03 21.28
N ASN A 87 -30.26 -11.34 21.01
CA ASN A 87 -31.22 -11.55 22.09
C ASN A 87 -31.23 -13.01 22.53
N ASP A 88 -31.59 -13.91 21.62
CA ASP A 88 -31.70 -15.33 21.92
C ASP A 88 -30.81 -16.20 21.05
N GLY A 89 -30.74 -15.90 19.76
CA GLY A 89 -29.93 -16.68 18.84
C GLY A 89 -29.92 -16.01 17.49
N VAL A 90 -28.93 -16.37 16.68
CA VAL A 90 -28.72 -15.73 15.38
C VAL A 90 -28.42 -16.80 14.34
N TYR A 91 -28.99 -16.62 13.15
CA TYR A 91 -28.76 -17.48 12.01
C TYR A 91 -27.91 -16.72 11.00
N PHE A 92 -26.80 -17.31 10.58
CA PHE A 92 -25.80 -16.62 9.79
C PHE A 92 -25.50 -17.41 8.53
N ALA A 93 -25.39 -16.71 7.40
CA ALA A 93 -25.10 -17.35 6.14
C ALA A 93 -24.48 -16.33 5.20
N SER A 94 -23.62 -16.82 4.30
CA SER A 94 -22.91 -15.94 3.38
C SER A 94 -22.40 -16.74 2.20
N THR A 95 -22.05 -16.04 1.13
CA THR A 95 -21.47 -16.64 -0.06
C THR A 95 -20.37 -15.73 -0.58
N GLU A 96 -19.24 -16.33 -0.95
CA GLU A 96 -18.05 -15.57 -1.31
C GLU A 96 -17.28 -16.31 -2.40
N LYS A 97 -16.86 -15.57 -3.43
CA LYS A 97 -15.97 -16.11 -4.45
C LYS A 97 -14.66 -16.56 -3.81
N SER A 98 -13.88 -15.61 -3.32
CA SER A 98 -12.68 -15.88 -2.54
C SER A 98 -12.89 -15.24 -1.17
N ASN A 99 -12.79 -16.06 -0.12
CA ASN A 99 -13.31 -15.65 1.17
C ASN A 99 -12.58 -14.44 1.75
N ILE A 100 -13.36 -13.46 2.18
CA ILE A 100 -12.90 -12.49 3.17
C ILE A 100 -13.94 -12.46 4.30
N ILE A 101 -13.84 -13.44 5.19
CA ILE A 101 -14.67 -13.56 6.39
C ILE A 101 -13.84 -14.30 7.42
N ARG A 102 -13.55 -13.65 8.54
CA ARG A 102 -12.68 -14.24 9.55
C ARG A 102 -13.28 -13.94 10.92
N GLY A 103 -13.87 -14.97 11.53
CA GLY A 103 -14.35 -14.89 12.88
C GLY A 103 -15.37 -13.78 13.12
N TRP A 104 -15.63 -13.55 14.40
CA TRP A 104 -16.60 -12.56 14.83
C TRP A 104 -16.15 -12.01 16.18
N ILE A 105 -16.92 -11.07 16.72
CA ILE A 105 -16.69 -10.54 18.06
C ILE A 105 -18.04 -10.45 18.76
N PHE A 106 -18.05 -10.84 20.04
CA PHE A 106 -19.27 -10.81 20.85
C PHE A 106 -18.97 -10.15 22.19
N GLY A 107 -19.96 -9.44 22.71
CA GLY A 107 -19.80 -8.79 24.00
C GLY A 107 -21.01 -7.97 24.34
N THR A 108 -20.86 -7.16 25.39
CA THR A 108 -21.92 -6.27 25.85
C THR A 108 -21.55 -4.80 25.78
N THR A 109 -20.33 -4.42 26.16
CA THR A 109 -19.86 -3.04 26.03
C THR A 109 -18.86 -2.85 24.92
N LEU A 110 -18.15 -3.90 24.51
CA LEU A 110 -17.17 -3.84 23.43
C LEU A 110 -16.08 -2.80 23.68
N ASP A 111 -15.60 -2.74 24.93
CA ASP A 111 -14.58 -1.77 25.30
C ASP A 111 -13.77 -2.32 26.46
N SER A 112 -12.76 -1.55 26.89
CA SER A 112 -11.89 -1.98 27.97
C SER A 112 -12.61 -2.07 29.31
N LYS A 113 -13.80 -1.50 29.44
CA LYS A 113 -14.54 -1.54 30.71
C LYS A 113 -14.89 -2.98 31.09
N GLN A 115 -15.59 -7.66 29.34
CA GLN A 115 -15.01 -8.78 28.59
C GLN A 115 -15.72 -8.96 27.26
N SER A 116 -15.10 -9.73 26.36
CA SER A 116 -15.66 -9.96 25.04
C SER A 116 -15.01 -11.20 24.44
N LEU A 117 -15.83 -12.07 23.87
CA LEU A 117 -15.33 -13.26 23.19
C LEU A 117 -14.91 -12.91 21.78
N LEU A 118 -13.72 -13.37 21.37
CA LEU A 118 -13.16 -13.04 20.07
C LEU A 118 -12.75 -14.32 19.35
N ILE A 119 -13.03 -14.37 18.05
CA ILE A 119 -12.68 -15.50 17.21
C ILE A 119 -11.98 -14.97 15.96
N VAL A 120 -10.87 -15.60 15.58
CA VAL A 120 -10.15 -15.29 14.36
C VAL A 120 -9.71 -16.60 13.72
N ASN A 121 -9.87 -16.70 12.41
CA ASN A 121 -9.56 -17.91 11.67
C ASN A 121 -8.69 -17.53 10.48
N ASN A 122 -7.56 -18.22 10.33
CA ASN A 122 -6.66 -18.01 9.20
C ASN A 122 -6.44 -19.32 8.45
N ALA A 123 -5.57 -19.28 7.45
CA ALA A 123 -5.47 -20.38 6.50
C ALA A 123 -4.99 -21.67 7.15
N THR A 124 -4.23 -21.59 8.24
CA THR A 124 -3.61 -22.77 8.81
C THR A 124 -4.35 -23.31 10.04
N ASN A 125 -4.80 -22.45 10.94
CA ASN A 125 -5.44 -22.89 12.17
C ASN A 125 -6.37 -21.80 12.67
N VAL A 126 -7.40 -22.22 13.38
CA VAL A 126 -8.35 -21.32 14.03
C VAL A 126 -7.88 -21.07 15.45
N VAL A 127 -8.22 -19.91 15.99
CA VAL A 127 -7.90 -19.56 17.37
C VAL A 127 -9.13 -18.93 18.00
N ILE A 128 -9.51 -19.43 19.18
CA ILE A 128 -10.61 -18.89 19.96
C ILE A 128 -10.07 -18.44 21.30
N LYS A 129 -10.38 -17.21 21.69
CA LYS A 129 -9.78 -16.59 22.85
C LYS A 129 -10.80 -15.74 23.58
N VAL A 130 -10.77 -15.79 24.90
CA VAL A 130 -11.57 -14.92 25.75
C VAL A 130 -10.61 -13.96 26.45
N CYS A 131 -10.86 -12.67 26.33
CA CYS A 131 -9.88 -11.68 26.74
C CYS A 131 -10.60 -10.36 26.93
N GLU A 132 -10.00 -9.48 27.76
CA GLU A 132 -10.55 -8.14 27.96
C GLU A 132 -9.95 -7.17 26.94
N PHE A 133 -10.38 -7.35 25.69
CA PHE A 133 -9.85 -6.55 24.60
C PHE A 133 -10.35 -5.11 24.69
N GLN A 134 -9.65 -4.24 23.96
CA GLN A 134 -10.05 -2.84 23.75
C GLN A 134 -10.13 -2.59 22.25
N PHE A 135 -11.36 -2.63 21.73
CA PHE A 135 -11.60 -2.46 20.30
C PHE A 135 -11.74 -0.98 19.96
N CYS A 136 -11.89 -0.69 18.67
CA CYS A 136 -12.11 0.66 18.19
C CYS A 136 -13.22 0.65 17.16
N ASN A 137 -13.60 1.85 16.70
CA ASN A 137 -14.83 2.02 15.94
C ASN A 137 -14.87 1.16 14.69
N ASP A 138 -13.74 1.00 14.01
CA ASP A 138 -13.68 0.32 12.72
C ASP A 138 -12.65 -0.80 12.80
N PRO A 139 -13.00 -1.92 13.43
CA PRO A 139 -12.05 -3.05 13.52
C PRO A 139 -11.99 -3.83 12.22
N PHE A 140 -10.78 -4.24 11.85
CA PHE A 140 -10.57 -5.09 10.70
C PHE A 140 -9.20 -5.72 10.81
N LEU A 141 -9.00 -6.81 10.05
CA LEU A 141 -7.74 -7.52 10.02
C LEU A 141 -6.96 -7.12 8.78
N GLY A 142 -5.79 -6.53 8.97
CA GLY A 142 -4.97 -6.04 7.87
C GLY A 142 -3.86 -7.00 7.52
N VAL A 143 -3.51 -7.03 6.23
CA VAL A 143 -2.40 -7.81 5.73
C VAL A 143 -1.57 -6.93 4.81
N TYR A 144 -0.28 -7.27 4.68
CA TYR A 144 0.63 -6.46 3.88
C TYR A 144 1.83 -7.30 3.50
N TYR A 145 2.66 -6.72 2.62
CA TYR A 145 3.81 -7.39 2.06
C TYR A 145 4.98 -7.39 3.05
N HIS A 146 5.91 -8.33 2.84
CA HIS A 146 7.16 -8.38 3.58
C HIS A 146 8.28 -8.44 2.56
N LYS A 147 9.02 -7.34 2.42
CA LYS A 147 9.86 -7.14 1.24
C LYS A 147 10.92 -8.22 1.09
N ASN A 148 11.64 -8.54 2.17
CA ASN A 148 12.80 -9.41 2.06
C ASN A 148 12.50 -10.88 2.32
N ASN A 149 11.29 -11.21 2.76
CA ASN A 149 10.93 -12.60 3.03
C ASN A 149 10.07 -13.22 1.94
N LYS A 150 9.69 -12.45 0.92
CA LYS A 150 9.00 -12.97 -0.26
C LYS A 150 7.69 -13.67 0.13
N SER A 151 6.96 -13.09 1.07
CA SER A 151 5.71 -13.69 1.52
C SER A 151 4.80 -12.61 2.11
N TRP A 152 3.53 -12.95 2.21
CA TRP A 152 2.55 -12.08 2.85
C TRP A 152 2.50 -12.35 4.35
N MET A 153 2.03 -11.35 5.10
CA MET A 153 1.90 -11.49 6.54
C MET A 153 0.69 -10.70 7.00
N GLU A 154 0.08 -11.15 8.10
CA GLU A 154 -1.12 -10.54 8.64
C GLU A 154 -0.84 -9.96 10.02
N SER A 155 -1.34 -8.76 10.25
CA SER A 155 -1.14 -8.04 11.50
C SER A 155 -2.48 -7.91 12.21
N GLU A 156 -2.53 -8.42 13.44
CA GLU A 156 -3.76 -8.39 14.23
C GLU A 156 -3.91 -7.10 15.04
N PHE A 157 -2.87 -6.27 15.12
CA PHE A 157 -2.91 -5.08 15.96
C PHE A 157 -3.88 -4.02 15.45
N ARG A 158 -4.38 -4.15 14.23
CA ARG A 158 -5.41 -3.24 13.74
C ARG A 158 -6.76 -3.47 14.39
N VAL A 159 -6.92 -4.54 15.16
CA VAL A 159 -8.20 -4.86 15.80
C VAL A 159 -8.24 -4.38 17.25
N TYR A 160 -7.22 -4.75 18.03
CA TYR A 160 -7.21 -4.46 19.45
C TYR A 160 -5.87 -3.85 19.85
N SER A 161 -5.89 -3.11 20.96
CA SER A 161 -4.71 -2.41 21.47
C SER A 161 -4.16 -3.03 22.74
N SER A 162 -5.01 -3.40 23.69
CA SER A 162 -4.57 -3.86 24.99
C SER A 162 -5.27 -5.16 25.35
N ALA A 163 -4.54 -6.06 26.01
CA ALA A 163 -5.07 -7.36 26.42
C ALA A 163 -4.61 -7.69 27.84
N ASN A 164 -4.74 -6.72 28.74
CA ASN A 164 -4.18 -6.85 30.08
C ASN A 164 -4.77 -8.05 30.81
N ASN A 165 -3.93 -8.72 31.62
CA ASN A 165 -4.34 -9.76 32.55
C ASN A 165 -5.31 -10.75 31.90
N CYS A 166 -4.80 -11.45 30.89
CA CYS A 166 -5.64 -12.23 29.98
C CYS A 166 -5.16 -13.67 29.92
N THR A 167 -6.10 -14.61 29.82
CA THR A 167 -5.83 -16.01 30.12
C THR A 167 -6.04 -16.94 28.94
N PHE A 168 -7.21 -16.93 28.33
CA PHE A 168 -7.69 -18.07 27.55
C PHE A 168 -7.01 -18.16 26.19
N GLU A 169 -7.06 -19.36 25.61
CA GLU A 169 -6.54 -19.68 24.28
C GLU A 169 -7.00 -21.07 23.90
N TYR A 170 -7.33 -21.25 22.62
CA TYR A 170 -7.72 -22.56 22.11
C TYR A 170 -7.30 -22.68 20.66
N VAL A 171 -7.08 -23.92 20.22
CA VAL A 171 -6.63 -24.20 18.86
C VAL A 171 -7.24 -25.52 18.41
N SER A 172 -7.56 -25.59 17.12
CA SER A 172 -8.12 -26.79 16.48
C SER A 172 -8.16 -26.55 14.99
N GLN A 173 -8.78 -27.48 14.25
CA GLN A 173 -8.93 -27.34 12.82
C GLN A 173 -9.82 -26.14 12.51
N PRO A 174 -9.64 -25.51 11.35
CA PRO A 174 -10.41 -24.29 11.05
C PRO A 174 -11.86 -24.60 10.73
N PHE A 175 -12.72 -23.61 10.99
CA PHE A 175 -14.13 -23.72 10.62
C PHE A 175 -14.32 -23.54 9.12
N LEU A 176 -13.63 -22.58 8.52
CA LEU A 176 -13.80 -22.22 7.13
C LEU A 176 -12.64 -22.76 6.28
N MET A 177 -12.89 -22.82 4.98
CA MET A 177 -11.94 -23.41 4.04
C MET A 177 -12.32 -22.94 2.64
N ASP A 178 -11.30 -22.61 1.84
CA ASP A 178 -11.50 -21.91 0.57
C ASP A 178 -10.74 -22.61 -0.55
N LEU A 179 -10.90 -23.92 -0.65
CA LEU A 179 -10.34 -24.67 -1.77
C LEU A 179 -11.31 -25.78 -2.16
N GLU A 180 -11.28 -26.15 -3.43
CA GLU A 180 -12.19 -27.17 -3.95
C GLU A 180 -11.58 -27.74 -5.22
N GLY A 181 -12.07 -28.91 -5.61
CA GLY A 181 -11.62 -29.54 -6.83
C GLY A 181 -12.32 -29.06 -8.08
N LYS A 182 -13.14 -28.00 -7.96
CA LYS A 182 -13.87 -27.45 -9.08
C LYS A 182 -13.86 -25.93 -8.98
N GLN A 183 -13.86 -25.27 -10.14
CA GLN A 183 -13.97 -23.82 -10.22
C GLN A 183 -14.81 -23.46 -11.43
N GLY A 184 -15.83 -22.61 -11.21
CA GLY A 184 -16.70 -22.22 -12.31
C GLY A 184 -17.93 -21.44 -11.90
N ASN A 185 -19.09 -21.80 -12.45
CA ASN A 185 -20.30 -21.04 -12.25
C ASN A 185 -20.92 -21.26 -10.87
N PHE A 186 -20.84 -22.48 -10.35
CA PHE A 186 -21.49 -22.81 -9.09
C PHE A 186 -20.63 -22.40 -7.90
N LYS A 187 -21.30 -22.08 -6.80
CA LYS A 187 -20.66 -21.64 -5.57
C LYS A 187 -21.14 -22.49 -4.42
N ASN A 188 -20.47 -22.34 -3.27
CA ASN A 188 -20.81 -23.07 -2.06
C ASN A 188 -21.36 -22.11 -1.02
N LEU A 189 -22.33 -22.58 -0.24
CA LEU A 189 -23.03 -21.77 0.75
C LEU A 189 -22.76 -22.30 2.14
N ARG A 190 -22.52 -21.38 3.08
CA ARG A 190 -22.18 -21.69 4.45
C ARG A 190 -23.30 -21.22 5.38
N GLU A 191 -23.39 -21.84 6.55
CA GLU A 191 -24.40 -21.44 7.52
C GLU A 191 -23.96 -21.86 8.91
N PHE A 192 -24.46 -21.14 9.91
CA PHE A 192 -24.09 -21.35 11.30
C PHE A 192 -25.29 -21.06 12.19
N VAL A 193 -25.19 -21.51 13.44
CA VAL A 193 -26.21 -21.24 14.46
C VAL A 193 -25.50 -21.08 15.80
N PHE A 194 -25.81 -19.98 16.49
CA PHE A 194 -25.27 -19.71 17.82
C PHE A 194 -26.41 -19.68 18.83
N LYS A 195 -26.26 -20.40 19.94
CA LYS A 195 -27.16 -20.26 21.08
C LYS A 195 -26.35 -20.37 22.36
N ASN A 196 -26.85 -19.71 23.41
CA ASN A 196 -26.14 -19.59 24.68
C ASN A 196 -27.13 -19.98 25.78
N ILE A 197 -27.12 -21.26 26.16
CA ILE A 197 -28.06 -21.82 27.13
C ILE A 197 -27.28 -22.44 28.27
N ASP A 198 -27.75 -22.20 29.49
CA ASP A 198 -27.21 -22.82 30.70
C ASP A 198 -25.70 -22.58 30.85
N GLY A 199 -25.20 -21.49 30.28
CA GLY A 199 -23.80 -21.14 30.35
C GLY A 199 -22.93 -21.77 29.28
N TYR A 200 -23.42 -22.77 28.56
CA TYR A 200 -22.66 -23.39 27.49
C TYR A 200 -22.78 -22.60 26.20
N PHE A 201 -21.71 -22.60 25.41
CA PHE A 201 -21.68 -21.96 24.11
C PHE A 201 -21.45 -23.04 23.06
N LYS A 202 -22.26 -23.05 22.02
CA LYS A 202 -22.27 -24.13 21.06
C LYS A 202 -22.35 -23.57 19.65
N ILE A 203 -21.86 -24.34 18.68
CA ILE A 203 -21.76 -23.92 17.29
C ILE A 203 -22.28 -25.05 16.41
N TYR A 204 -22.72 -24.68 15.20
CA TYR A 204 -23.15 -25.63 14.19
C TYR A 204 -22.76 -25.11 12.83
N SER A 205 -22.70 -26.01 11.85
CA SER A 205 -22.33 -25.62 10.49
C SER A 205 -22.61 -26.76 9.53
N LYS A 206 -22.96 -26.39 8.30
CA LYS A 206 -23.18 -27.34 7.22
C LYS A 206 -22.68 -26.72 5.92
N HIS A 207 -22.28 -27.57 4.99
CA HIS A 207 -21.77 -27.14 3.69
C HIS A 207 -22.52 -27.84 2.58
N THR A 208 -23.03 -27.08 1.62
CA THR A 208 -23.79 -27.60 0.50
C THR A 208 -23.64 -26.66 -0.68
N PRO A 209 -23.46 -27.19 -1.89
CA PRO A 209 -23.35 -26.34 -3.07
C PRO A 209 -24.71 -26.00 -3.67
N ILE A 210 -24.72 -24.94 -4.47
CA ILE A 210 -25.91 -24.50 -5.17
C ILE A 210 -25.97 -25.21 -6.53
N ASN A 211 -27.19 -25.38 -7.05
CA ASN A 211 -27.40 -25.89 -8.39
C ASN A 211 -28.22 -24.98 -9.28
N LEU A 212 -28.99 -24.06 -8.70
CA LEU A 212 -29.75 -23.09 -9.47
C LEU A 212 -28.91 -21.84 -9.74
N VAL A 213 -29.37 -21.05 -10.72
CA VAL A 213 -28.74 -19.78 -10.98
C VAL A 213 -28.90 -18.86 -9.76
N ARG A 214 -28.07 -17.82 -9.73
CA ARG A 214 -27.96 -16.98 -8.53
C ARG A 214 -29.32 -16.42 -8.13
N ASP A 215 -29.65 -16.58 -6.85
CA ASP A 215 -30.95 -16.20 -6.32
C ASP A 215 -30.87 -16.23 -4.80
N LEU A 216 -31.99 -15.94 -4.15
CA LEU A 216 -32.19 -16.09 -2.71
C LEU A 216 -31.86 -17.50 -2.25
N PRO A 217 -31.72 -17.76 -0.94
CA PRO A 217 -31.29 -19.09 -0.49
C PRO A 217 -32.19 -20.20 -1.02
N GLN A 218 -31.56 -21.31 -1.40
CA GLN A 218 -32.26 -22.38 -2.09
C GLN A 218 -33.39 -22.94 -1.24
N GLY A 219 -34.46 -23.35 -1.91
CA GLY A 219 -35.60 -23.96 -1.24
C GLY A 219 -36.47 -24.76 -2.19
N LEU A 226 -19.78 -28.54 16.33
CA LEU A 226 -18.34 -28.34 16.15
C LEU A 226 -17.61 -28.36 17.48
N VAL A 227 -17.81 -27.32 18.28
CA VAL A 227 -17.18 -27.19 19.58
C VAL A 227 -18.22 -26.73 20.59
N ASP A 228 -17.91 -26.93 21.86
CA ASP A 228 -18.77 -26.52 22.96
C ASP A 228 -17.88 -25.89 24.03
N LEU A 229 -17.93 -24.57 24.14
CA LEU A 229 -17.02 -23.84 25.00
C LEU A 229 -17.72 -23.42 26.27
N PRO A 230 -17.29 -23.92 27.45
CA PRO A 230 -17.88 -23.45 28.73
C PRO A 230 -17.33 -22.11 29.16
N ILE A 231 -17.76 -21.06 28.47
CA ILE A 231 -17.30 -19.70 28.75
C ILE A 231 -17.67 -19.27 30.16
N ILE A 233 -20.61 -15.30 30.87
CA ILE A 233 -20.55 -13.97 30.29
C ILE A 233 -21.94 -13.58 29.77
N ASN A 234 -22.23 -12.28 29.79
CA ASN A 234 -23.49 -11.76 29.29
C ASN A 234 -23.29 -11.15 27.91
N ILE A 235 -24.07 -11.60 26.94
CA ILE A 235 -23.92 -11.22 25.54
C ILE A 235 -25.20 -10.51 25.10
N THR A 236 -25.04 -9.34 24.49
CA THR A 236 -26.17 -8.63 23.89
C THR A 236 -25.89 -8.04 22.52
N ARG A 237 -24.66 -8.09 22.01
CA ARG A 237 -24.35 -7.55 20.70
C ARG A 237 -23.22 -8.36 20.07
N PHE A 238 -23.06 -8.20 18.77
CA PHE A 238 -21.93 -8.80 18.07
C PHE A 238 -21.67 -8.02 16.79
N GLN A 239 -20.55 -8.33 16.15
CA GLN A 239 -20.18 -7.68 14.90
C GLN A 239 -19.19 -8.56 14.15
N THR A 240 -19.33 -8.60 12.84
CA THR A 240 -18.38 -9.31 11.98
C THR A 240 -17.23 -8.39 11.60
N LEU A 241 -16.08 -8.99 11.30
CA LEU A 241 -14.89 -8.23 10.92
C LEU A 241 -14.34 -8.80 9.61
N LEU A 242 -13.85 -7.90 8.76
CA LEU A 242 -13.40 -8.25 7.42
C LEU A 242 -11.87 -8.26 7.35
N ALA A 243 -11.36 -8.64 6.18
CA ALA A 243 -9.93 -8.67 5.91
C ALA A 243 -9.64 -7.75 4.73
N LEU A 244 -8.66 -6.86 4.91
CA LEU A 244 -8.29 -5.88 3.90
C LEU A 244 -6.80 -5.97 3.61
N HIS A 245 -6.42 -5.62 2.38
CA HIS A 245 -5.05 -5.73 1.92
C HIS A 245 -4.63 -4.44 1.24
N ARG A 246 -3.33 -4.19 1.23
CA ARG A 246 -2.76 -2.95 0.73
C ARG A 246 -1.50 -3.26 -0.08
N SER A 247 -1.14 -2.34 -0.97
CA SER A 247 0.06 -2.47 -1.78
C SER A 247 0.58 -1.07 -2.09
N TYR A 248 1.59 -1.00 -2.95
CA TYR A 248 2.18 0.30 -3.31
C TYR A 248 2.51 0.37 -4.80
N LEU A 249 2.03 -0.58 -5.61
CA LEU A 249 2.39 -0.63 -7.02
C LEU A 249 2.04 0.67 -7.73
N THR A 250 0.89 1.25 -7.42
CA THR A 250 0.49 2.45 -8.15
C THR A 250 1.12 3.70 -7.54
N PRO A 251 1.53 4.67 -8.35
CA PRO A 251 2.07 5.92 -7.82
C PRO A 251 0.99 6.94 -7.52
N GLY A 252 1.36 7.90 -6.67
CA GLY A 252 0.49 9.00 -6.30
C GLY A 252 -0.94 8.60 -6.00
N ASP A 253 -1.11 7.68 -5.05
CA ASP A 253 -2.44 7.28 -4.61
C ASP A 253 -2.78 8.06 -3.34
N SER A 254 -3.21 9.30 -3.54
CA SER A 254 -3.44 10.21 -2.42
C SER A 254 -4.70 9.84 -1.68
N SER A 255 -4.71 8.68 -1.03
CA SER A 255 -5.83 8.20 -0.23
C SER A 255 -5.35 6.98 0.54
N SER A 256 -6.26 6.42 1.34
CA SER A 256 -5.95 5.19 2.07
C SER A 256 -5.96 4.00 1.12
N GLY A 257 -4.92 3.18 1.19
CA GLY A 257 -4.75 2.07 0.27
C GLY A 257 -5.53 0.82 0.58
N TRP A 258 -6.30 0.80 1.66
CA TRP A 258 -7.06 -0.39 2.03
C TRP A 258 -8.14 -0.66 0.98
N THR A 259 -8.25 -1.92 0.56
CA THR A 259 -9.21 -2.30 -0.46
C THR A 259 -9.51 -3.79 -0.35
N ALA A 260 -10.61 -4.20 -0.99
CA ALA A 260 -11.05 -5.59 -1.03
C ALA A 260 -12.22 -5.68 -1.99
N GLY A 261 -12.73 -6.90 -2.19
CA GLY A 261 -13.86 -7.14 -3.05
C GLY A 261 -15.19 -6.97 -2.34
N ALA A 262 -16.25 -7.33 -3.05
CA ALA A 262 -17.60 -7.22 -2.50
C ALA A 262 -17.94 -8.41 -1.61
N ALA A 263 -18.74 -8.15 -0.58
CA ALA A 263 -19.13 -9.17 0.37
C ALA A 263 -20.51 -8.87 0.92
N ALA A 264 -21.27 -9.93 1.19
CA ALA A 264 -22.62 -9.80 1.73
C ALA A 264 -22.93 -11.02 2.58
N TYR A 265 -23.91 -10.86 3.47
CA TYR A 265 -24.29 -11.96 4.35
C TYR A 265 -25.70 -11.71 4.86
N TYR A 266 -26.31 -12.77 5.39
CA TYR A 266 -27.66 -12.75 5.92
C TYR A 266 -27.63 -12.87 7.44
N VAL A 267 -28.73 -12.44 8.07
CA VAL A 267 -28.87 -12.49 9.52
C VAL A 267 -30.34 -12.72 9.84
N GLY A 268 -30.58 -13.36 10.98
CA GLY A 268 -31.94 -13.61 11.46
C GLY A 268 -31.92 -13.96 12.92
N TYR A 269 -33.10 -13.91 13.54
CA TYR A 269 -33.25 -14.16 14.96
C TYR A 269 -34.16 -15.35 15.21
N LEU A 270 -34.10 -15.86 16.44
CA LEU A 270 -34.94 -16.98 16.85
C LEU A 270 -36.17 -16.51 17.61
N GLN B 1 -0.39 7.80 2.48
CA GLN B 1 0.43 8.87 1.93
C GLN B 1 1.74 9.00 2.71
N VAL B 2 2.83 8.51 2.11
CA VAL B 2 4.12 8.52 2.80
C VAL B 2 4.66 9.94 2.89
N GLN B 3 5.23 10.28 4.04
CA GLN B 3 5.87 11.57 4.26
C GLN B 3 7.24 11.33 4.86
N LEU B 4 8.27 11.89 4.24
CA LEU B 4 9.65 11.65 4.64
C LEU B 4 10.24 12.91 5.28
N VAL B 5 11.04 12.70 6.32
CA VAL B 5 11.74 13.77 7.03
C VAL B 5 13.12 13.25 7.42
N GLN B 6 14.13 14.12 7.37
CA GLN B 6 15.49 13.71 7.64
C GLN B 6 16.19 14.77 8.48
N SER B 7 17.47 14.52 8.78
CA SER B 7 18.23 15.36 9.69
C SER B 7 18.50 16.73 9.06
N GLY B 8 18.83 17.69 9.93
CA GLY B 8 19.17 19.02 9.48
C GLY B 8 20.55 19.07 8.86
N ALA B 9 20.92 20.29 8.44
CA ALA B 9 22.20 20.51 7.77
C ALA B 9 23.37 20.06 8.64
N GLU B 10 24.53 19.90 8.01
CA GLU B 10 25.72 19.46 8.71
C GLU B 10 26.94 20.10 8.06
N VAL B 11 28.01 20.20 8.85
CA VAL B 11 29.28 20.76 8.41
C VAL B 11 30.39 19.80 8.84
N LYS B 12 31.51 19.83 8.14
CA LYS B 12 32.60 18.92 8.45
C LYS B 12 33.90 19.50 7.93
N LYS B 13 35.00 19.14 8.61
CA LYS B 13 36.35 19.46 8.17
C LYS B 13 36.87 18.39 7.23
N PRO B 14 37.93 18.69 6.47
CA PRO B 14 38.44 17.70 5.49
C PRO B 14 38.88 16.41 6.16
N GLY B 15 38.68 15.31 5.44
CA GLY B 15 39.19 14.01 5.83
C GLY B 15 38.37 13.25 6.84
N ALA B 16 37.22 13.79 7.26
CA ALA B 16 36.40 13.15 8.27
C ALA B 16 35.33 12.28 7.59
N SER B 17 34.36 11.81 8.37
CA SER B 17 33.25 11.01 7.87
C SER B 17 31.96 11.51 8.50
N VAL B 18 30.85 11.32 7.77
CA VAL B 18 29.56 11.85 8.19
C VAL B 18 28.49 10.79 7.94
N LYS B 19 27.41 10.87 8.72
CA LYS B 19 26.27 9.96 8.61
C LYS B 19 25.01 10.77 8.42
N VAL B 20 24.08 10.24 7.63
CA VAL B 20 22.81 10.90 7.34
C VAL B 20 21.68 9.91 7.59
N SER B 21 20.60 10.41 8.17
CA SER B 21 19.48 9.57 8.59
C SER B 21 18.21 10.04 7.90
N CYS B 22 17.39 9.07 7.46
CA CYS B 22 16.14 9.33 6.78
C CYS B 22 15.04 8.53 7.45
N LYS B 23 13.88 9.15 7.67
CA LYS B 23 12.80 8.55 8.41
C LYS B 23 11.53 8.56 7.57
N VAL B 24 10.62 7.64 7.89
CA VAL B 24 9.38 7.47 7.14
C VAL B 24 8.21 7.47 8.11
N SER B 25 7.03 7.76 7.56
CA SER B 25 5.79 7.73 8.32
C SER B 25 4.67 7.21 7.43
N GLY B 26 3.63 6.68 8.06
CA GLY B 26 2.56 6.05 7.31
C GLY B 26 2.85 4.58 7.09
N TYR B 27 3.40 4.27 5.91
CA TYR B 27 3.92 2.93 5.65
C TYR B 27 5.08 2.61 6.58
N THR B 28 5.62 1.40 6.48
CA THR B 28 6.77 0.98 7.26
C THR B 28 7.89 0.55 6.33
N LEU B 29 9.12 0.64 6.82
CA LEU B 29 10.29 0.41 5.97
C LEU B 29 10.31 -1.01 5.42
N THR B 30 9.61 -1.95 6.04
CA THR B 30 9.67 -3.34 5.60
C THR B 30 8.90 -3.60 4.31
N GLU B 31 8.29 -2.57 3.69
CA GLU B 31 7.65 -2.77 2.39
C GLU B 31 7.95 -1.63 1.42
N LEU B 32 9.13 -1.02 1.56
CA LEU B 32 9.56 0.04 0.65
C LEU B 32 11.06 -0.06 0.42
N SER B 33 11.47 0.31 -0.79
CA SER B 33 12.87 0.41 -1.13
C SER B 33 13.37 1.82 -0.91
N MET B 34 14.68 1.97 -0.71
CA MET B 34 15.27 3.27 -0.41
C MET B 34 16.42 3.53 -1.37
N HIS B 35 16.51 4.77 -1.84
CA HIS B 35 17.58 5.18 -2.73
C HIS B 35 18.15 6.51 -2.25
N TRP B 36 19.39 6.78 -2.67
CA TRP B 36 20.09 8.01 -2.32
C TRP B 36 20.63 8.66 -3.59
N VAL B 37 20.38 9.95 -3.75
CA VAL B 37 20.74 10.70 -4.94
C VAL B 37 21.38 12.02 -4.51
N ARG B 38 22.40 12.45 -5.24
CA ARG B 38 23.11 13.69 -4.96
C ARG B 38 23.24 14.50 -6.25
N GLN B 39 23.20 15.83 -6.10
CA GLN B 39 23.37 16.74 -7.22
C GLN B 39 24.37 17.82 -6.82
N ALA B 40 25.44 17.95 -7.60
CA ALA B 40 26.37 19.05 -7.41
C ALA B 40 25.73 20.34 -7.90
N PRO B 41 26.16 21.50 -7.38
CA PRO B 41 25.56 22.76 -7.81
C PRO B 41 25.62 22.97 -9.32
N GLY B 42 24.47 22.93 -9.98
CA GLY B 42 24.39 23.20 -11.40
C GLY B 42 24.95 22.13 -12.30
N LYS B 43 25.29 20.96 -11.77
CA LYS B 43 25.89 19.90 -12.57
C LYS B 43 24.93 18.74 -12.86
N GLY B 44 23.71 18.77 -12.34
CA GLY B 44 22.76 17.70 -12.57
C GLY B 44 22.81 16.62 -11.51
N LEU B 45 21.81 15.74 -11.57
CA LEU B 45 21.66 14.69 -10.58
C LEU B 45 22.77 13.65 -10.73
N GLU B 46 22.90 12.81 -9.70
CA GLU B 46 23.85 11.71 -9.72
C GLU B 46 23.38 10.64 -8.74
N TRP B 47 23.49 9.38 -9.14
CA TRP B 47 22.96 8.27 -8.38
C TRP B 47 24.06 7.67 -7.50
N MET B 48 23.75 7.49 -6.22
CA MET B 48 24.71 6.95 -5.24
C MET B 48 24.54 5.45 -5.03
N GLY B 49 23.32 5.00 -4.80
CA GLY B 49 23.09 3.59 -4.52
C GLY B 49 21.67 3.38 -4.04
N GLY B 50 21.36 2.12 -3.75
CA GLY B 50 20.04 1.78 -3.30
C GLY B 50 19.86 0.28 -3.21
N PHE B 51 18.61 -0.12 -3.07
CA PHE B 51 18.23 -1.52 -2.90
C PHE B 51 17.70 -2.08 -4.21
N ASP B 52 18.15 -3.29 -4.55
CA ASP B 52 17.74 -3.95 -5.79
C ASP B 52 16.72 -5.04 -5.52
N PRO B 53 15.46 -4.88 -5.97
CA PRO B 53 14.46 -5.92 -5.73
C PRO B 53 14.77 -7.26 -6.38
N GLU B 54 15.65 -7.31 -7.38
CA GLU B 54 15.96 -8.58 -8.04
C GLU B 54 16.43 -9.64 -7.05
N ASP B 55 17.30 -9.26 -6.13
CA ASP B 55 17.83 -10.16 -5.11
C ASP B 55 18.01 -9.40 -3.81
N GLY B 56 18.02 -10.13 -2.71
CA GLY B 56 18.14 -9.46 -1.42
C GLY B 56 19.57 -9.11 -1.11
N GLU B 57 19.93 -7.85 -1.33
CA GLU B 57 21.29 -7.33 -1.20
C GLU B 57 21.19 -5.81 -1.17
N THR B 58 22.35 -5.15 -1.12
CA THR B 58 22.45 -3.71 -1.26
C THR B 58 23.64 -3.41 -2.16
N ILE B 59 23.37 -2.85 -3.34
CA ILE B 59 24.41 -2.59 -4.34
C ILE B 59 24.66 -1.09 -4.43
N TYR B 60 25.93 -0.74 -4.59
CA TYR B 60 26.37 0.65 -4.67
C TYR B 60 26.81 0.99 -6.09
N ALA B 61 26.91 2.28 -6.37
CA ALA B 61 27.36 2.74 -7.67
C ALA B 61 28.79 2.29 -7.93
N GLN B 62 29.11 2.04 -9.20
CA GLN B 62 30.44 1.55 -9.55
C GLN B 62 31.52 2.55 -9.19
N LYS B 63 31.21 3.86 -9.25
CA LYS B 63 32.23 4.86 -9.03
C LYS B 63 32.61 4.98 -7.55
N PHE B 64 31.62 4.95 -6.66
CA PHE B 64 31.82 5.25 -5.25
C PHE B 64 31.90 4.02 -4.36
N GLN B 65 31.79 2.82 -4.92
CA GLN B 65 31.75 1.62 -4.09
C GLN B 65 32.98 1.52 -3.19
N GLY B 66 32.76 1.22 -1.92
CA GLY B 66 33.80 1.14 -0.94
C GLY B 66 33.91 2.37 -0.05
N ARG B 67 33.40 3.51 -0.49
CA ARG B 67 33.45 4.74 0.28
C ARG B 67 32.21 4.97 1.12
N VAL B 68 31.21 4.09 1.05
CA VAL B 68 29.92 4.29 1.72
C VAL B 68 29.47 2.98 2.33
N THR B 69 28.38 3.05 3.11
CA THR B 69 27.81 1.89 3.75
C THR B 69 26.37 2.24 4.16
N MET B 70 25.50 1.23 4.19
CA MET B 70 24.09 1.44 4.51
C MET B 70 23.63 0.37 5.49
N THR B 71 22.69 0.75 6.35
CA THR B 71 22.08 -0.16 7.32
C THR B 71 20.68 0.34 7.64
N GLU B 72 19.86 -0.57 8.16
CA GLU B 72 18.46 -0.27 8.46
C GLU B 72 18.10 -0.85 9.82
N ASP B 73 17.11 -0.24 10.47
CA ASP B 73 16.58 -0.73 11.73
C ASP B 73 15.08 -0.49 11.72
N THR B 74 14.31 -1.54 12.01
CA THR B 74 12.86 -1.50 11.84
C THR B 74 12.12 -1.07 13.10
N SER B 75 12.71 -1.28 14.28
CA SER B 75 12.02 -0.94 15.53
C SER B 75 11.68 0.55 15.56
N THR B 76 12.66 1.41 15.31
CA THR B 76 12.42 2.84 15.20
C THR B 76 11.96 3.25 13.80
N ASP B 77 12.07 2.35 12.82
CA ASP B 77 11.61 2.58 11.45
C ASP B 77 12.40 3.74 10.81
N THR B 78 13.72 3.59 10.80
CA THR B 78 14.61 4.59 10.25
C THR B 78 15.75 3.92 9.49
N ALA B 79 16.12 4.51 8.36
CA ALA B 79 17.22 4.02 7.53
C ALA B 79 18.46 4.89 7.73
N TYR B 80 19.63 4.26 7.63
CA TYR B 80 20.88 4.93 7.88
C TYR B 80 21.84 4.75 6.70
N MET B 81 22.69 5.75 6.50
CA MET B 81 23.74 5.69 5.49
C MET B 81 24.93 6.51 5.97
N GLU B 82 26.12 6.12 5.53
CA GLU B 82 27.36 6.71 6.00
C GLU B 82 28.25 7.05 4.82
N LEU B 83 29.06 8.11 5.00
CA LEU B 83 30.02 8.55 3.99
C LEU B 83 31.35 8.85 4.67
N SER B 84 32.44 8.52 3.97
CA SER B 84 33.78 8.64 4.54
C SER B 84 34.76 9.11 3.48
N SER B 85 35.96 9.45 3.93
CA SER B 85 37.06 9.88 3.05
C SER B 85 36.66 11.09 2.21
N LEU B 86 36.02 12.06 2.85
CA LEU B 86 35.63 13.29 2.18
C LEU B 86 36.84 13.99 1.58
N ARG B 87 36.70 14.46 0.35
CA ARG B 87 37.82 15.11 -0.35
C ARG B 87 37.43 16.49 -0.85
N SER B 88 38.32 17.10 -1.65
CA SER B 88 38.17 18.51 -2.01
C SER B 88 36.85 18.77 -2.72
N GLU B 89 36.55 18.00 -3.77
CA GLU B 89 35.44 18.32 -4.65
C GLU B 89 34.09 17.83 -4.13
N ASP B 90 34.05 17.12 -3.00
CA ASP B 90 32.82 16.51 -2.52
C ASP B 90 32.01 17.53 -1.75
N THR B 91 30.93 18.03 -2.38
CA THR B 91 29.98 18.92 -1.73
C THR B 91 28.74 19.00 -2.61
N ALA B 92 27.57 18.76 -2.01
CA ALA B 92 26.32 18.71 -2.76
C ALA B 92 25.18 18.48 -1.79
N VAL B 93 23.96 18.60 -2.31
CA VAL B 93 22.76 18.27 -1.56
C VAL B 93 22.51 16.77 -1.66
N TYR B 94 21.87 16.20 -0.64
CA TYR B 94 21.58 14.78 -0.60
C TYR B 94 20.08 14.56 -0.40
N TYR B 95 19.50 13.68 -1.19
CA TYR B 95 18.07 13.42 -1.19
C TYR B 95 17.79 11.97 -0.86
N CYS B 96 16.66 11.75 -0.19
CA CYS B 96 16.21 10.41 0.21
C CYS B 96 15.00 10.04 -0.64
N ALA B 97 15.15 9.03 -1.49
CA ALA B 97 14.10 8.65 -2.43
C ALA B 97 13.60 7.24 -2.13
N THR B 98 12.38 6.95 -2.58
CA THR B 98 11.75 5.65 -2.37
C THR B 98 11.00 5.24 -3.64
N GLY B 99 10.61 3.98 -3.70
CA GLY B 99 9.95 3.46 -4.88
C GLY B 99 9.41 2.07 -4.65
N SER B 100 8.85 1.52 -5.73
CA SER B 100 8.21 0.21 -5.69
C SER B 100 9.15 -0.83 -5.09
N PRO B 101 8.67 -1.65 -4.14
CA PRO B 101 9.53 -2.66 -3.52
C PRO B 101 9.55 -4.02 -4.20
N PHE B 102 8.67 -4.29 -5.18
CA PHE B 102 8.65 -5.63 -5.73
C PHE B 102 8.55 -5.69 -7.26
N ASP B 103 8.96 -4.64 -7.96
CA ASP B 103 9.02 -4.73 -9.41
C ASP B 103 10.25 -5.52 -9.84
N ARG B 104 10.17 -6.10 -11.04
CA ARG B 104 11.32 -6.84 -11.57
C ARG B 104 12.52 -5.92 -11.70
N THR B 105 12.44 -4.92 -12.57
CA THR B 105 13.47 -3.89 -12.65
C THR B 105 12.81 -2.61 -13.16
N GLN B 106 12.43 -1.72 -12.25
CA GLN B 106 11.66 -0.55 -12.61
C GLN B 106 12.27 0.67 -11.93
N ASN B 107 11.96 1.85 -12.46
CA ASN B 107 12.52 3.11 -11.91
C ASN B 107 11.49 4.25 -11.98
N TRP B 108 10.70 4.43 -10.91
CA TRP B 108 9.78 5.55 -10.81
C TRP B 108 9.87 6.14 -9.40
N PHE B 109 10.94 6.90 -9.15
CA PHE B 109 11.18 7.45 -7.83
C PHE B 109 10.08 8.42 -7.43
N ASP B 110 9.58 8.28 -6.19
CA ASP B 110 8.56 9.16 -5.61
C ASP B 110 8.18 8.68 -4.21
N PRO B 111 7.94 9.60 -3.25
CA PRO B 111 8.34 11.01 -3.30
C PRO B 111 9.81 11.21 -2.93
N TRP B 112 10.16 12.41 -2.48
CA TRP B 112 11.53 12.78 -2.13
C TRP B 112 11.53 13.49 -0.78
N GLY B 113 12.72 13.83 -0.31
CA GLY B 113 12.90 14.55 0.94
C GLY B 113 13.23 16.01 0.71
N GLN B 114 13.20 16.78 1.79
CA GLN B 114 13.42 18.21 1.67
C GLN B 114 14.88 18.56 1.38
N GLY B 115 15.81 17.64 1.62
CA GLY B 115 17.19 17.88 1.25
C GLY B 115 18.11 18.24 2.40
N THR B 116 19.36 17.78 2.33
CA THR B 116 20.36 18.07 3.34
C THR B 116 21.65 18.48 2.63
N LEU B 117 22.39 19.41 3.23
CA LEU B 117 23.59 19.97 2.63
C LEU B 117 24.80 19.60 3.47
N VAL B 118 25.85 19.11 2.81
CA VAL B 118 27.09 18.72 3.46
C VAL B 118 28.24 19.51 2.85
N THR B 119 29.02 20.17 3.69
CA THR B 119 30.11 21.04 3.27
C THR B 119 31.44 20.35 3.53
N VAL B 120 32.40 20.56 2.63
CA VAL B 120 33.76 20.05 2.80
C VAL B 120 34.76 21.08 2.29
N VAL C 3 25.69 6.49 -20.85
CA VAL C 3 25.82 7.91 -21.17
C VAL C 3 24.71 8.35 -22.10
N VAL C 4 24.34 9.62 -22.02
CA VAL C 4 23.27 10.20 -22.83
C VAL C 4 23.58 11.67 -23.08
N THR C 5 22.90 12.26 -24.05
CA THR C 5 23.07 13.66 -24.41
C THR C 5 21.70 14.31 -24.57
N GLN C 6 21.68 15.63 -24.45
CA GLN C 6 20.44 16.38 -24.54
C GLN C 6 20.72 17.84 -24.84
N PRO C 7 20.01 18.45 -25.78
CA PRO C 7 20.28 19.85 -26.14
C PRO C 7 19.86 20.78 -25.01
N PRO C 8 20.77 21.61 -24.53
CA PRO C 8 20.47 22.51 -23.40
C PRO C 8 19.82 23.82 -23.84
N SER C 9 19.10 24.41 -22.89
CA SER C 9 18.60 25.79 -22.99
C SER C 9 17.74 26.00 -24.24
N VAL C 10 16.62 25.28 -24.28
CA VAL C 10 15.60 25.54 -25.30
C VAL C 10 14.78 26.75 -24.89
N SER C 11 14.15 27.39 -25.88
CA SER C 11 13.36 28.59 -25.63
C SER C 11 12.10 28.56 -26.47
N ALA C 12 11.05 29.20 -25.95
CA ALA C 12 9.77 29.25 -26.63
C ALA C 12 8.96 30.43 -26.09
N ALA C 13 7.90 30.78 -26.83
CA ALA C 13 7.00 31.87 -26.46
C ALA C 13 5.71 31.31 -25.86
N PRO C 14 5.08 32.04 -24.94
CA PRO C 14 3.87 31.52 -24.29
C PRO C 14 2.76 31.24 -25.29
N GLY C 15 2.06 30.13 -25.07
CA GLY C 15 0.96 29.72 -25.92
C GLY C 15 1.35 28.82 -27.07
N GLN C 16 2.64 28.73 -27.40
CA GLN C 16 3.11 27.94 -28.52
C GLN C 16 3.45 26.52 -28.08
N LYS C 17 3.63 25.65 -29.08
CA LYS C 17 4.05 24.28 -28.82
C LYS C 17 5.51 24.25 -28.36
N VAL C 18 5.87 23.19 -27.66
CA VAL C 18 7.23 22.99 -27.19
C VAL C 18 7.53 21.50 -27.16
N THR C 19 8.73 21.14 -27.61
CA THR C 19 9.18 19.75 -27.65
C THR C 19 10.58 19.66 -27.08
N ILE C 20 10.81 18.64 -26.25
CA ILE C 20 12.10 18.40 -25.62
C ILE C 20 12.58 17.02 -26.04
N SER C 21 13.81 16.96 -26.54
CA SER C 21 14.37 15.73 -27.09
C SER C 21 15.45 15.19 -26.17
N CYS C 22 15.38 13.90 -25.87
CA CYS C 22 16.37 13.20 -25.06
C CYS C 22 16.75 11.93 -25.79
N SER C 23 18.05 11.64 -25.85
CA SER C 23 18.57 10.60 -26.73
C SER C 23 19.56 9.72 -25.99
N GLY C 24 19.76 8.52 -26.51
CA GLY C 24 20.70 7.58 -25.94
C GLY C 24 21.10 6.53 -26.96
N SER C 25 21.79 5.51 -26.49
CA SER C 25 22.28 4.44 -27.33
C SER C 25 21.33 3.23 -27.27
N SER C 26 21.74 2.16 -27.95
CA SER C 26 20.90 0.97 -28.04
C SER C 26 20.67 0.33 -26.67
N SER C 27 21.72 0.26 -25.85
CA SER C 27 21.60 -0.37 -24.54
C SER C 27 21.17 0.60 -23.44
N ASN C 28 21.49 1.88 -23.59
CA ASN C 28 21.19 2.84 -22.53
C ASN C 28 19.69 3.02 -22.35
N ILE C 29 18.97 3.26 -23.44
CA ILE C 29 17.55 3.59 -23.38
C ILE C 29 16.68 2.63 -24.18
N GLY C 30 17.27 1.79 -25.02
CA GLY C 30 16.50 0.92 -25.88
C GLY C 30 15.57 -0.03 -25.16
N ASN C 31 16.12 -0.98 -24.41
CA ASN C 31 15.32 -2.06 -23.82
C ASN C 31 14.84 -1.73 -22.41
N ASN C 32 14.23 -0.55 -22.23
CA ASN C 32 13.71 -0.11 -20.94
C ASN C 32 12.67 0.97 -21.16
N TYR C 33 11.99 1.34 -20.07
CA TYR C 33 11.10 2.50 -20.03
C TYR C 33 11.90 3.74 -19.66
N VAL C 34 11.21 4.87 -19.52
CA VAL C 34 11.80 6.13 -19.10
C VAL C 34 10.80 6.89 -18.24
N SER C 35 11.28 7.97 -17.64
CA SER C 35 10.43 8.84 -16.82
C SER C 35 11.02 10.24 -16.88
N TRP C 36 10.19 11.23 -16.55
CA TRP C 36 10.57 12.63 -16.68
C TRP C 36 10.25 13.37 -15.39
N TYR C 37 11.22 14.13 -14.90
CA TYR C 37 11.09 14.91 -13.67
C TYR C 37 11.33 16.38 -13.95
N GLN C 38 10.74 17.24 -13.11
CA GLN C 38 10.98 18.67 -13.17
C GLN C 38 11.58 19.14 -11.85
N GLN C 39 12.40 20.18 -11.93
CA GLN C 39 13.18 20.66 -10.79
C GLN C 39 12.94 22.16 -10.63
N LEU C 40 11.95 22.52 -9.82
CA LEU C 40 11.76 23.90 -9.44
C LEU C 40 12.96 24.36 -8.61
N PRO C 41 13.52 25.54 -8.88
CA PRO C 41 14.67 26.00 -8.11
C PRO C 41 14.36 26.06 -6.62
N GLY C 42 15.31 25.58 -5.81
CA GLY C 42 15.13 25.57 -4.37
C GLY C 42 14.11 24.57 -3.87
N THR C 43 13.85 23.50 -4.62
CA THR C 43 12.84 22.53 -4.23
C THR C 43 13.23 21.17 -4.78
N ALA C 44 12.75 20.12 -4.11
CA ALA C 44 13.02 18.76 -4.54
C ALA C 44 12.20 18.44 -5.80
N PRO C 45 12.70 17.56 -6.66
CA PRO C 45 11.97 17.20 -7.88
C PRO C 45 10.56 16.70 -7.59
N LYS C 46 9.78 16.59 -8.66
CA LYS C 46 8.41 16.10 -8.58
C LYS C 46 8.09 15.28 -9.82
N LEU C 47 7.71 14.02 -9.62
CA LEU C 47 7.45 13.13 -10.73
C LEU C 47 6.35 13.68 -11.64
N LEU C 48 6.44 13.36 -12.93
CA LEU C 48 5.46 13.86 -13.90
C LEU C 48 4.94 12.78 -14.85
N ILE C 49 5.80 11.87 -15.31
CA ILE C 49 5.44 10.87 -16.32
C ILE C 49 6.20 9.59 -16.01
N TYR C 50 5.56 8.46 -16.30
CA TYR C 50 6.21 7.15 -16.14
C TYR C 50 5.59 6.18 -17.13
N ASP C 51 6.33 5.11 -17.41
CA ASP C 51 5.94 4.08 -18.37
C ASP C 51 5.79 4.63 -19.79
N ASN C 52 6.44 5.76 -20.06
CA ASN C 52 6.63 6.43 -21.35
C ASN C 52 5.36 7.14 -21.83
N ASN C 53 4.20 6.91 -21.23
CA ASN C 53 3.03 7.71 -21.58
C ASN C 53 2.04 7.95 -20.45
N LYS C 54 2.30 7.48 -19.23
CA LYS C 54 1.29 7.43 -18.19
C LYS C 54 1.57 8.50 -17.14
N ARG C 55 0.62 9.39 -16.94
CA ARG C 55 0.71 10.39 -15.88
C ARG C 55 0.23 9.80 -14.55
N PRO C 56 0.81 10.24 -13.44
CA PRO C 56 0.25 9.90 -12.13
C PRO C 56 -1.07 10.64 -11.90
N SER C 57 -1.79 10.19 -10.87
CA SER C 57 -3.07 10.81 -10.55
C SER C 57 -2.88 12.20 -9.98
N GLY C 58 -3.84 13.08 -10.24
CA GLY C 58 -3.86 14.40 -9.64
C GLY C 58 -3.36 15.52 -10.51
N ILE C 59 -2.35 16.24 -10.01
CA ILE C 59 -1.94 17.50 -10.64
C ILE C 59 -1.50 17.36 -12.10
N PRO C 60 -0.78 16.31 -12.53
CA PRO C 60 -0.11 16.37 -13.84
C PRO C 60 -1.07 16.72 -14.98
N ASP C 61 -0.59 17.55 -15.89
CA ASP C 61 -1.32 17.96 -17.08
C ASP C 61 -1.10 16.95 -18.20
N ARG C 62 -1.89 17.05 -19.26
CA ARG C 62 -1.83 16.08 -20.35
C ARG C 62 -0.52 16.23 -21.11
N PHE C 63 0.24 15.15 -21.18
CA PHE C 63 1.53 15.09 -21.86
C PHE C 63 1.59 13.84 -22.71
N SER C 64 2.62 13.75 -23.55
CA SER C 64 2.78 12.62 -24.45
C SER C 64 4.26 12.27 -24.57
N GLY C 65 4.51 11.04 -25.00
CA GLY C 65 5.87 10.57 -25.22
C GLY C 65 5.94 9.39 -26.19
N SER C 66 6.82 9.49 -27.18
CA SER C 66 7.04 8.42 -28.14
C SER C 66 8.52 8.05 -28.15
N LYS C 67 8.81 6.81 -28.52
CA LYS C 67 10.16 6.25 -28.44
C LYS C 67 10.56 5.76 -29.82
N SER C 68 11.34 6.58 -30.54
CA SER C 68 11.78 6.24 -31.89
C SER C 68 13.05 5.39 -31.84
N GLY C 69 12.93 4.22 -31.22
CA GLY C 69 14.07 3.33 -31.11
C GLY C 69 14.92 3.63 -29.90
N THR C 70 15.66 4.75 -29.95
CA THR C 70 16.49 5.17 -28.82
C THR C 70 16.38 6.66 -28.54
N SER C 71 15.31 7.30 -28.99
CA SER C 71 15.05 8.71 -28.71
C SER C 71 13.62 8.88 -28.24
N ALA C 72 13.43 9.73 -27.23
CA ALA C 72 12.12 10.00 -26.67
C ALA C 72 11.91 11.50 -26.57
N THR C 73 10.65 11.91 -26.57
CA THR C 73 10.29 13.32 -26.58
C THR C 73 9.16 13.56 -25.59
N LEU C 74 9.14 14.74 -25.01
CA LEU C 74 8.05 15.19 -24.15
C LEU C 74 7.68 16.61 -24.55
N GLY C 75 6.40 16.94 -24.43
CA GLY C 75 5.96 18.27 -24.80
C GLY C 75 4.57 18.56 -24.28
N ILE C 76 4.19 19.83 -24.43
CA ILE C 76 2.87 20.31 -24.06
C ILE C 76 2.39 21.25 -25.16
N THR C 77 1.11 21.13 -25.53
CA THR C 77 0.56 21.92 -26.62
C THR C 77 0.78 23.41 -26.40
N GLY C 78 0.62 23.87 -25.16
CA GLY C 78 0.79 25.28 -24.86
C GLY C 78 1.50 25.51 -23.55
N LEU C 79 2.49 26.39 -23.56
CA LEU C 79 3.30 26.67 -22.39
C LEU C 79 2.89 27.99 -21.75
N GLN C 80 3.13 28.10 -20.45
CA GLN C 80 2.70 29.27 -19.68
C GLN C 80 3.83 29.73 -18.78
N THR C 81 3.74 30.99 -18.35
CA THR C 81 4.65 31.54 -17.35
C THR C 81 4.17 31.29 -15.92
N GLY C 82 2.99 30.70 -15.75
CA GLY C 82 2.54 30.36 -14.41
C GLY C 82 3.46 29.37 -13.72
N ASP C 83 4.01 28.43 -14.48
CA ASP C 83 4.96 27.46 -13.94
C ASP C 83 5.98 27.09 -15.02
N GLU C 84 7.25 26.99 -14.61
CA GLU C 84 8.34 26.69 -15.51
C GLU C 84 9.60 26.45 -14.68
N ALA C 85 10.35 25.40 -15.06
CA ALA C 85 11.58 25.04 -14.36
C ALA C 85 12.37 24.10 -15.24
N ASP C 86 13.40 23.48 -14.67
CA ASP C 86 14.24 22.54 -15.38
C ASP C 86 13.51 21.21 -15.57
N TYR C 87 13.96 20.44 -16.56
CA TYR C 87 13.40 19.11 -16.83
C TYR C 87 14.51 18.12 -17.09
N TYR C 88 14.30 16.88 -16.65
CA TYR C 88 15.33 15.85 -16.69
C TYR C 88 14.77 14.56 -17.26
N CYS C 89 15.62 13.82 -17.96
CA CYS C 89 15.32 12.47 -18.41
C CYS C 89 16.31 11.50 -17.79
N GLY C 90 15.86 10.27 -17.55
CA GLY C 90 16.71 9.26 -16.96
C GLY C 90 16.06 7.90 -16.85
N THR C 91 16.84 6.83 -16.92
CA THR C 91 16.29 5.49 -16.88
C THR C 91 17.38 4.50 -16.48
N TRP C 92 17.05 3.21 -16.52
CA TRP C 92 17.93 2.13 -16.09
C TRP C 92 18.63 1.55 -17.31
N ASP C 93 19.93 1.78 -17.41
CA ASP C 93 20.70 1.13 -18.47
C ASP C 93 20.80 -0.36 -18.18
N SER C 94 20.69 -1.17 -19.24
CA SER C 94 20.60 -2.61 -19.10
C SER C 94 21.94 -3.32 -19.23
N SER C 95 23.01 -2.61 -19.57
CA SER C 95 24.32 -3.22 -19.79
C SER C 95 25.35 -2.52 -18.92
N LEU C 96 26.05 -3.29 -18.10
CA LEU C 96 27.22 -2.86 -17.32
C LEU C 96 27.06 -1.47 -16.73
N SER C 97 25.86 -1.15 -16.24
CA SER C 97 25.57 0.19 -15.76
C SER C 97 24.40 0.13 -14.79
N ALA C 98 24.15 1.26 -14.13
CA ALA C 98 23.02 1.42 -13.24
C ALA C 98 22.16 2.60 -13.73
N VAL C 99 21.18 2.98 -12.91
CA VAL C 99 20.29 4.08 -13.27
C VAL C 99 21.08 5.37 -13.41
N VAL C 100 20.85 6.08 -14.51
CA VAL C 100 21.57 7.31 -14.84
C VAL C 100 20.56 8.39 -15.22
N PHE C 101 21.02 9.64 -15.13
CA PHE C 101 20.20 10.80 -15.45
C PHE C 101 20.90 11.64 -16.52
N GLY C 102 20.09 12.38 -17.28
CA GLY C 102 20.63 13.26 -18.30
C GLY C 102 21.07 14.60 -17.75
N GLY C 103 21.68 15.40 -18.64
CA GLY C 103 22.19 16.69 -18.23
C GLY C 103 21.13 17.74 -17.99
N GLY C 104 19.96 17.59 -18.58
CA GLY C 104 18.89 18.56 -18.40
C GLY C 104 18.97 19.71 -19.38
N THR C 105 17.84 20.37 -19.57
CA THR C 105 17.76 21.54 -20.45
C THR C 105 16.93 22.63 -19.78
N LYS C 106 17.49 23.83 -19.73
CA LYS C 106 16.86 24.95 -19.04
C LYS C 106 15.84 25.60 -19.97
N LEU C 107 14.58 25.23 -19.80
CA LEU C 107 13.51 25.82 -20.59
C LEU C 107 13.48 27.33 -20.41
N THR C 108 13.19 28.05 -21.49
CA THR C 108 13.20 29.50 -21.50
C THR C 108 11.88 30.00 -22.08
N VAL C 109 11.25 30.96 -21.40
CA VAL C 109 10.01 31.57 -21.85
C VAL C 109 10.23 33.07 -21.94
N LEU C 110 9.83 33.66 -23.05
CA LEU C 110 10.01 35.08 -23.29
C LEU C 110 9.29 35.93 -22.25
C1 NAG D . -2.50 -18.36 11.94
C2 NAG D . -1.14 -17.66 11.85
C3 NAG D . -0.10 -18.43 12.66
C4 NAG D . -0.58 -18.62 14.09
C5 NAG D . -1.97 -19.26 14.10
C6 NAG D . -2.56 -19.36 15.48
C7 NAG D . -0.45 -18.51 9.63
C8 NAG D . -0.01 -18.12 8.25
N2 NAG D . -0.70 -17.50 10.47
O3 NAG D . 1.14 -17.71 12.65
O4 NAG D . 0.32 -19.45 14.81
O5 NAG D . -2.88 -18.48 13.31
O6 NAG D . -1.55 -19.26 16.49
O7 NAG D . -0.56 -19.68 9.96
C1 NAG E . -2.04 -8.16 36.09
C2 NAG E . -1.27 -7.03 35.40
C3 NAG E . -0.12 -6.56 36.29
C4 NAG E . -0.63 -6.19 37.67
C5 NAG E . -1.47 -7.33 38.26
C6 NAG E . -2.12 -6.98 39.57
C7 NAG E . -1.09 -6.81 32.96
C8 NAG E . -0.50 -7.38 31.71
N2 NAG E . -0.78 -7.45 34.10
O3 NAG E . 0.52 -5.44 35.68
O4 NAG E . 0.46 -5.92 38.53
O5 NAG E . -2.52 -7.69 37.36
O6 NAG E . -1.41 -7.55 40.67
O7 NAG E . -1.82 -5.83 32.94
C1 NAG F . -12.49 8.82 13.81
C2 NAG F . -11.40 9.72 14.36
C3 NAG F . -11.60 9.94 15.85
C4 NAG F . -13.01 10.45 16.14
C5 NAG F . -14.04 9.51 15.50
C6 NAG F . -15.45 10.03 15.64
C7 NAG F . -9.00 9.94 13.89
C8 NAG F . -7.72 9.22 13.62
N2 NAG F . -10.08 9.18 14.09
O3 NAG F . -10.65 10.87 16.33
O4 NAG F . -13.23 10.50 17.54
O5 NAG F . -13.79 9.37 14.10
O6 NAG F . -15.83 10.17 17.00
O7 NAG F . -9.06 11.17 13.92
C1 NAG G . -40.29 -6.71 8.24
C2 NAG G . -39.23 -5.87 7.51
C3 NAG G . -39.62 -4.39 7.55
C4 NAG G . -41.05 -4.19 7.06
C5 NAG G . -42.02 -5.11 7.80
C6 NAG G . -43.43 -5.05 7.27
C7 NAG G . -36.78 -5.65 7.52
C8 NAG G . -35.52 -5.95 8.28
N2 NAG G . -37.92 -6.07 8.10
O3 NAG G . -38.73 -3.63 6.75
O4 NAG G . -41.45 -2.84 7.26
O5 NAG G . -41.58 -6.47 7.66
O6 NAG G . -43.94 -3.72 7.32
O7 NAG G . -36.77 -5.05 6.45
C1 NAG H . 11.08 -16.07 5.88
C2 NAG H . 10.32 -16.20 7.20
C3 NAG H . 10.30 -17.65 7.66
C4 NAG H . 9.77 -18.56 6.56
C5 NAG H . 10.56 -18.34 5.28
C6 NAG H . 10.02 -19.13 4.10
C7 NAG H . 10.48 -14.12 8.49
C8 NAG H . 11.20 -13.38 9.58
N2 NAG H . 10.91 -15.34 8.22
O3 NAG H . 9.49 -17.77 8.83
O4 NAG H . 9.88 -19.93 6.95
O5 NAG H . 10.51 -16.96 4.91
O6 NAG H . 10.25 -18.45 2.87
O7 NAG H . 9.54 -13.61 7.88
#